data_3F8Z
#
_entry.id   3F8Z
#
_cell.length_a   84.416
_cell.length_b   84.416
_cell.length_c   77.934
_cell.angle_alpha   90.00
_cell.angle_beta   90.00
_cell.angle_gamma   120.00
#
_symmetry.space_group_name_H-M   'H 3'
#
loop_
_entity.id
_entity.type
_entity.pdbx_description
1 polymer 'Dihydrofolate reductase'
2 non-polymer 2,4-DIAMINO-5-[2-METHOXY-5-(4-CARBOXYBUTYLOXY)BENZYL]PYRIMIDINE
3 non-polymer 'NADPH DIHYDRO-NICOTINAMIDE-ADENINE-DINUCLEOTIDE PHOSPHATE'
4 non-polymer 'SULFATE ION'
5 water water
#
_entity_poly.entity_id   1
_entity_poly.type   'polypeptide(L)'
_entity_poly.pdbx_seq_one_letter_code
;MVGSLNCIVAVSQNMGIGKNGDLPWPPLRNEFRYFSRMTTTSSVEGKQNLVIMGKKTWFSIPEKSRPLKGRINLVLSREL
KEPPQGAHFLSRSLDDALKLTEQPELANKVDMVWIVGGSSVYKEAMNHPGHLKLFVTRIMQDFESDTFFPEIDLEKYKLL
PEYPGVLSDVQEEKGIKYKFEVYEKND
;
_entity_poly.pdbx_strand_id   A
#
loop_
_chem_comp.id
_chem_comp.type
_chem_comp.name
_chem_comp.formula
DH1 non-polymer 2,4-DIAMINO-5-[2-METHOXY-5-(4-CARBOXYBUTYLOXY)BENZYL]PYRIMIDINE 'C17 H22 N4 O4'
NDP non-polymer 'NADPH DIHYDRO-NICOTINAMIDE-ADENINE-DINUCLEOTIDE PHOSPHATE' 'C21 H30 N7 O17 P3'
SO4 non-polymer 'SULFATE ION' 'O4 S -2'
#
# COMPACT_ATOMS: atom_id res chain seq x y z
N VAL A 2 17.90 4.17 0.28
CA VAL A 2 16.44 3.96 0.15
C VAL A 2 15.85 4.26 1.53
N GLY A 3 14.68 4.87 1.58
CA GLY A 3 14.08 5.27 2.87
C GLY A 3 13.15 4.22 3.50
N SER A 4 12.07 4.69 4.13
CA SER A 4 11.19 3.83 4.94
C SER A 4 10.43 2.74 4.15
N LEU A 5 10.14 1.63 4.83
CA LEU A 5 9.18 0.62 4.32
C LEU A 5 7.81 0.78 4.95
N ASN A 6 6.76 0.76 4.12
CA ASN A 6 5.38 1.09 4.54
C ASN A 6 4.35 0.22 3.80
N CYS A 7 3.23 -0.08 4.47
CA CYS A 7 2.05 -0.63 3.81
C CYS A 7 0.96 0.41 3.89
N ILE A 8 0.10 0.42 2.89
CA ILE A 8 -1.09 1.25 2.89
C ILE A 8 -2.27 0.47 2.34
N VAL A 9 -3.40 0.59 3.04
CA VAL A 9 -4.60 -0.23 2.81
C VAL A 9 -5.83 0.51 3.33
N ALA A 10 -6.98 0.28 2.71
CA ALA A 10 -8.25 0.59 3.37
C ALA A 10 -9.04 -0.69 3.61
N VAL A 11 -9.61 -0.81 4.82
CA VAL A 11 -10.19 -2.09 5.28
C VAL A 11 -11.50 -1.87 5.97
N SER A 12 -12.47 -2.72 5.67
CA SER A 12 -13.77 -2.71 6.37
C SER A 12 -13.65 -3.35 7.75
N GLN A 13 -14.72 -3.22 8.55
CA GLN A 13 -14.77 -3.81 9.90
C GLN A 13 -14.47 -5.31 9.93
N ASN A 14 -14.93 -6.02 8.92
CA ASN A 14 -14.76 -7.47 8.81
C ASN A 14 -13.47 -7.78 8.06
N MET A 15 -12.57 -6.80 7.98
CA MET A 15 -11.20 -6.97 7.44
C MET A 15 -11.12 -7.13 5.92
N GLY A 16 -12.18 -6.75 5.22
CA GLY A 16 -12.26 -6.95 3.79
C GLY A 16 -11.55 -5.84 3.04
N ILE A 17 -10.87 -6.21 1.96
CA ILE A 17 -10.14 -5.23 1.15
C ILE A 17 -10.52 -5.30 -0.31
N GLY A 18 -11.20 -6.35 -0.72
CA GLY A 18 -11.54 -6.49 -2.13
C GLY A 18 -12.69 -7.44 -2.31
N LYS A 19 -13.38 -7.29 -3.43
CA LYS A 19 -14.43 -8.22 -3.85
C LYS A 19 -14.48 -8.21 -5.39
N ASN A 20 -14.28 -9.38 -5.99
CA ASN A 20 -14.34 -9.56 -7.46
C ASN A 20 -13.39 -8.59 -8.20
N GLY A 21 -12.20 -8.36 -7.64
CA GLY A 21 -11.18 -7.55 -8.27
C GLY A 21 -11.38 -6.04 -8.13
N ASP A 22 -12.31 -5.65 -7.28
CA ASP A 22 -12.54 -4.24 -6.97
C ASP A 22 -12.64 -4.07 -5.45
N LEU A 23 -12.72 -2.83 -4.98
CA LEU A 23 -12.97 -2.57 -3.55
C LEU A 23 -14.41 -2.94 -3.17
N PRO A 24 -14.62 -3.40 -1.92
CA PRO A 24 -15.97 -3.77 -1.44
C PRO A 24 -16.96 -2.62 -1.26
N TRP A 25 -16.47 -1.38 -1.19
CA TRP A 25 -17.32 -0.21 -0.99
C TRP A 25 -17.28 0.64 -2.24
N PRO A 26 -18.28 1.54 -2.41
CA PRO A 26 -18.28 2.53 -3.49
C PRO A 26 -17.07 3.43 -3.41
N PRO A 27 -16.68 4.04 -4.55
CA PRO A 27 -15.58 5.02 -4.57
C PRO A 27 -15.68 6.10 -3.51
N LEU A 28 -14.59 6.29 -2.76
CA LEU A 28 -14.49 7.36 -1.78
C LEU A 28 -13.36 8.28 -2.21
N ARG A 29 -13.73 9.36 -2.88
CA ARG A 29 -12.84 10.28 -3.60
C ARG A 29 -11.71 10.83 -2.74
N ASN A 30 -12.05 11.38 -1.60
CA ASN A 30 -11.02 11.93 -0.73
C ASN A 30 -10.19 10.85 -0.02
N GLU A 31 -10.78 9.68 0.19
CA GLU A 31 -10.00 8.53 0.68
C GLU A 31 -8.93 8.15 -0.34
N PHE A 32 -9.34 8.05 -1.60
CA PHE A 32 -8.41 7.89 -2.71
C PHE A 32 -7.39 9.03 -2.78
N ARG A 33 -7.85 10.27 -2.61
CA ARG A 33 -6.92 11.43 -2.58
C ARG A 33 -5.80 11.24 -1.54
N TYR A 34 -6.17 10.70 -0.39
CA TYR A 34 -5.25 10.46 0.72
C TYR A 34 -4.22 9.37 0.33
N PHE A 35 -4.68 8.24 -0.22
CA PHE A 35 -3.78 7.24 -0.76
C PHE A 35 -2.73 7.85 -1.75
N SER A 36 -3.21 8.67 -2.69
CA SER A 36 -2.36 9.28 -3.71
C SER A 36 -1.32 10.19 -3.07
N ARG A 37 -1.77 11.07 -2.18
CA ARG A 37 -0.91 11.97 -1.43
C ARG A 37 0.18 11.24 -0.67
N MET A 38 -0.23 10.19 0.08
CA MET A 38 0.69 9.47 0.94
C MET A 38 1.76 8.72 0.14
N THR A 39 1.33 8.01 -0.90
CA THR A 39 2.25 7.22 -1.69
C THR A 39 3.14 8.06 -2.61
N THR A 40 2.66 9.22 -3.04
CA THR A 40 3.42 10.05 -3.99
C THR A 40 4.43 11.02 -3.30
N THR A 41 4.08 11.54 -2.13
CA THR A 41 4.91 12.56 -1.46
C THR A 41 6.23 12.01 -0.92
N SER A 42 7.31 12.52 -1.48
CA SER A 42 8.64 12.14 -1.03
C SER A 42 9.27 13.35 -0.35
N SER A 43 9.96 13.07 0.75
CA SER A 43 10.74 14.04 1.54
C SER A 43 12.09 14.47 0.87
N VAL A 44 12.67 13.59 0.08
CA VAL A 44 14.04 13.74 -0.41
C VAL A 44 14.12 14.30 -1.83
N GLU A 45 14.91 15.37 -1.98
CA GLU A 45 15.14 16.01 -3.28
C GLU A 45 15.54 15.04 -4.35
N GLY A 46 14.84 15.08 -5.49
CA GLY A 46 15.24 14.32 -6.67
C GLY A 46 15.02 12.82 -6.54
N LYS A 47 14.17 12.42 -5.60
CA LYS A 47 13.81 11.03 -5.50
C LYS A 47 12.29 10.88 -5.68
N GLN A 48 11.87 9.67 -6.05
CA GLN A 48 10.45 9.30 -6.15
C GLN A 48 10.23 8.16 -5.16
N ASN A 49 8.99 7.95 -4.72
CA ASN A 49 8.64 6.72 -3.97
C ASN A 49 8.43 5.51 -4.91
N LEU A 50 8.69 4.32 -4.38
CA LEU A 50 8.39 3.07 -5.09
C LEU A 50 7.11 2.41 -4.57
N VAL A 51 6.24 1.98 -5.48
CA VAL A 51 5.05 1.22 -5.10
C VAL A 51 5.28 -0.22 -5.54
N ILE A 52 5.01 -1.15 -4.61
CA ILE A 52 5.16 -2.61 -4.85
C ILE A 52 3.76 -3.25 -4.73
N MET A 53 3.36 -4.04 -5.71
CA MET A 53 2.05 -4.65 -5.67
C MET A 53 2.04 -6.01 -6.35
N GLY A 54 1.16 -6.91 -5.89
CA GLY A 54 0.92 -8.16 -6.56
C GLY A 54 0.31 -7.92 -7.94
N LYS A 55 0.36 -8.95 -8.78
CA LYS A 55 -0.16 -8.92 -10.14
C LYS A 55 -1.65 -8.56 -10.20
N LYS A 56 -2.47 -9.21 -9.35
CA LYS A 56 -3.92 -8.94 -9.36
C LYS A 56 -4.24 -7.48 -9.00
N THR A 57 -3.49 -6.93 -8.04
CA THR A 57 -3.65 -5.54 -7.62
C THR A 57 -3.35 -4.60 -8.75
N TRP A 58 -2.22 -4.81 -9.45
CA TRP A 58 -1.93 -4.06 -10.67
C TRP A 58 -3.15 -4.02 -11.62
N PHE A 59 -3.67 -5.20 -12.01
CA PHE A 59 -4.81 -5.23 -12.95
C PHE A 59 -6.16 -4.73 -12.42
N SER A 60 -6.27 -4.64 -11.10
CA SER A 60 -7.44 -4.05 -10.47
C SER A 60 -7.46 -2.52 -10.57
N ILE A 61 -6.31 -1.89 -10.88
CA ILE A 61 -6.27 -0.43 -10.98
C ILE A 61 -6.81 -0.06 -12.35
N PRO A 62 -7.75 0.91 -12.41
CA PRO A 62 -8.23 1.28 -13.76
C PRO A 62 -7.03 1.55 -14.69
N GLU A 63 -7.08 1.01 -15.90
CA GLU A 63 -6.07 1.23 -16.94
C GLU A 63 -5.63 2.69 -17.11
N LYS A 64 -6.58 3.63 -17.08
CA LYS A 64 -6.25 5.05 -17.20
C LYS A 64 -5.38 5.56 -16.05
N SER A 65 -5.45 4.88 -14.91
CA SER A 65 -4.79 5.30 -13.68
C SER A 65 -3.47 4.53 -13.44
N ARG A 66 -3.12 3.67 -14.40
CA ARG A 66 -1.93 2.79 -14.44
C ARG A 66 -0.87 3.28 -15.44
N PRO A 67 0.42 3.41 -15.04
CA PRO A 67 1.01 3.24 -13.72
C PRO A 67 0.57 4.36 -12.77
N LEU A 68 0.70 4.13 -11.47
CA LEU A 68 0.45 5.21 -10.51
C LEU A 68 1.46 6.36 -10.73
N LYS A 69 0.96 7.51 -11.17
CA LYS A 69 1.84 8.57 -11.68
C LYS A 69 2.71 9.21 -10.61
N GLY A 70 3.93 9.54 -11.00
CA GLY A 70 4.92 10.14 -10.09
C GLY A 70 5.54 9.17 -9.09
N ARG A 71 5.24 7.90 -9.24
CA ARG A 71 5.81 6.85 -8.42
C ARG A 71 6.38 5.78 -9.34
N ILE A 72 7.39 5.08 -8.86
CA ILE A 72 7.97 3.95 -9.60
C ILE A 72 7.09 2.76 -9.26
N ASN A 73 6.61 2.05 -10.30
CA ASN A 73 5.63 0.97 -10.15
C ASN A 73 6.28 -0.40 -10.38
N LEU A 74 6.39 -1.20 -9.33
CA LEU A 74 6.93 -2.56 -9.38
C LEU A 74 5.84 -3.60 -9.09
N VAL A 75 5.72 -4.59 -9.99
CA VAL A 75 4.74 -5.68 -9.89
C VAL A 75 5.45 -6.97 -9.46
N LEU A 76 4.81 -7.71 -8.58
CA LEU A 76 5.31 -9.04 -8.17
C LEU A 76 4.57 -10.13 -8.90
N SER A 77 5.30 -11.06 -9.50
CA SER A 77 4.71 -12.20 -10.23
C SER A 77 5.81 -13.19 -10.55
N ARG A 78 5.47 -14.46 -10.39
CA ARG A 78 6.33 -15.54 -10.85
C ARG A 78 5.92 -16.05 -12.24
N GLU A 79 4.69 -15.75 -12.66
CA GLU A 79 4.21 -16.17 -14.00
C GLU A 79 4.67 -15.24 -15.13
N LEU A 80 4.61 -13.93 -14.89
CA LEU A 80 4.97 -12.96 -15.92
C LEU A 80 6.47 -13.06 -16.24
N LYS A 81 6.83 -12.81 -17.48
CA LYS A 81 8.23 -12.82 -17.91
C LYS A 81 8.79 -11.39 -18.06
N GLU A 82 7.91 -10.41 -18.03
CA GLU A 82 8.31 -9.00 -18.16
C GLU A 82 7.24 -8.15 -17.47
N PRO A 83 7.57 -6.88 -17.11
CA PRO A 83 6.55 -6.04 -16.49
C PRO A 83 5.33 -5.88 -17.41
N PRO A 84 4.13 -5.86 -16.82
CA PRO A 84 2.91 -5.55 -17.59
C PRO A 84 3.07 -4.22 -18.31
N GLN A 85 2.36 -4.05 -19.45
CA GLN A 85 2.25 -2.76 -20.16
C GLN A 85 1.94 -1.61 -19.19
N GLY A 86 2.78 -0.58 -19.18
CA GLY A 86 2.66 0.55 -18.25
C GLY A 86 3.43 0.44 -16.95
N ALA A 87 3.79 -0.78 -16.56
CA ALA A 87 4.54 -0.99 -15.31
C ALA A 87 6.04 -0.76 -15.53
N HIS A 88 6.78 -0.46 -14.45
CA HIS A 88 8.22 -0.18 -14.57
C HIS A 88 9.13 -1.36 -14.30
N PHE A 89 8.79 -2.15 -13.27
CA PHE A 89 9.63 -3.26 -12.85
C PHE A 89 8.78 -4.48 -12.55
N LEU A 90 9.44 -5.64 -12.62
CA LEU A 90 8.90 -6.94 -12.21
C LEU A 90 9.88 -7.69 -11.28
N SER A 91 9.38 -8.16 -10.14
CA SER A 91 10.18 -9.07 -9.29
C SER A 91 9.42 -10.34 -9.00
N ARG A 92 10.16 -11.39 -8.66
CA ARG A 92 9.62 -12.72 -8.40
C ARG A 92 9.31 -12.96 -6.94
N SER A 93 9.73 -12.06 -6.06
CA SER A 93 9.40 -12.15 -4.63
C SER A 93 9.58 -10.79 -4.02
N LEU A 94 9.06 -10.61 -2.80
CA LEU A 94 9.23 -9.35 -2.09
C LEU A 94 10.70 -9.09 -1.76
N ASP A 95 11.42 -10.11 -1.29
CA ASP A 95 12.84 -9.96 -0.99
C ASP A 95 13.57 -9.45 -2.21
N ASP A 96 13.24 -10.04 -3.37
CA ASP A 96 13.87 -9.64 -4.63
C ASP A 96 13.62 -8.17 -4.96
N ALA A 97 12.37 -7.73 -4.79
CA ALA A 97 11.99 -6.34 -4.98
C ALA A 97 12.78 -5.42 -4.05
N LEU A 98 12.85 -5.78 -2.77
CA LEU A 98 13.58 -4.93 -1.80
C LEU A 98 15.10 -4.87 -2.10
N LYS A 99 15.69 -6.02 -2.45
CA LYS A 99 17.08 -6.06 -2.93
C LYS A 99 17.34 -5.13 -4.11
N LEU A 100 16.45 -5.18 -5.10
CA LEU A 100 16.53 -4.39 -6.32
C LEU A 100 16.70 -2.90 -6.04
N THR A 101 15.89 -2.39 -5.10
CA THR A 101 15.97 -0.97 -4.66
C THR A 101 17.38 -0.55 -4.26
N GLU A 102 18.17 -1.50 -3.78
CA GLU A 102 19.59 -1.28 -3.49
C GLU A 102 20.52 -1.44 -4.72
N GLN A 103 20.00 -1.83 -5.87
CA GLN A 103 20.79 -1.85 -7.14
C GLN A 103 21.13 -0.44 -7.61
N PRO A 104 22.24 -0.28 -8.35
CA PRO A 104 22.65 1.05 -8.84
C PRO A 104 21.59 1.78 -9.70
N GLU A 105 20.79 1.01 -10.44
CA GLU A 105 19.66 1.57 -11.20
C GLU A 105 18.56 2.26 -10.35
N LEU A 106 18.47 1.92 -9.05
CA LEU A 106 17.37 2.38 -8.17
C LEU A 106 17.79 2.94 -6.81
N ALA A 107 18.99 2.57 -6.36
CA ALA A 107 19.53 2.97 -5.04
C ALA A 107 19.50 4.47 -4.78
N ASN A 108 19.75 5.27 -5.81
CA ASN A 108 19.78 6.70 -5.61
C ASN A 108 18.52 7.41 -6.09
N LYS A 109 17.59 6.64 -6.63
CA LYS A 109 16.29 7.16 -7.12
C LYS A 109 15.12 6.99 -6.13
N VAL A 110 15.15 5.94 -5.33
CA VAL A 110 14.01 5.62 -4.47
C VAL A 110 14.08 6.26 -3.09
N ASP A 111 13.02 6.98 -2.73
CA ASP A 111 12.85 7.38 -1.32
C ASP A 111 12.03 6.32 -0.54
N MET A 112 10.74 6.56 -0.31
CA MET A 112 9.96 5.58 0.46
C MET A 112 9.51 4.40 -0.42
N VAL A 113 9.40 3.22 0.18
CA VAL A 113 8.70 2.15 -0.48
C VAL A 113 7.33 1.84 0.17
N TRP A 114 6.30 1.81 -0.69
CA TRP A 114 4.91 1.56 -0.34
C TRP A 114 4.39 0.25 -0.94
N ILE A 115 4.07 -0.68 -0.06
CA ILE A 115 3.37 -1.92 -0.41
C ILE A 115 1.86 -1.62 -0.42
N VAL A 116 1.25 -1.81 -1.58
CA VAL A 116 -0.14 -1.41 -1.80
C VAL A 116 -1.05 -2.64 -2.06
N GLY A 117 -0.52 -3.85 -1.81
CA GLY A 117 -1.33 -5.07 -1.82
C GLY A 117 -0.88 -6.12 -2.81
N GLY A 118 -1.54 -7.29 -2.82
CA GLY A 118 -2.72 -7.58 -1.99
C GLY A 118 -2.37 -8.39 -0.75
N SER A 119 -3.27 -9.30 -0.36
CA SER A 119 -3.22 -9.98 0.95
C SER A 119 -1.87 -10.63 1.30
N SER A 120 -1.35 -11.43 0.39
CA SER A 120 -0.14 -12.21 0.63
C SER A 120 1.10 -11.31 0.70
N VAL A 121 1.12 -10.22 -0.06
CA VAL A 121 2.24 -9.28 -0.03
C VAL A 121 2.21 -8.48 1.29
N TYR A 122 1.03 -8.00 1.68
CA TYR A 122 0.86 -7.39 3.01
C TYR A 122 1.33 -8.36 4.12
N LYS A 123 0.85 -9.61 4.08
CA LYS A 123 1.17 -10.57 5.15
C LYS A 123 2.70 -10.72 5.33
N GLU A 124 3.39 -11.01 4.23
CA GLU A 124 4.83 -11.24 4.25
C GLU A 124 5.61 -10.03 4.78
N ALA A 125 5.33 -8.86 4.18
CA ALA A 125 5.85 -7.59 4.64
C ALA A 125 5.61 -7.41 6.15
N MET A 126 4.42 -7.77 6.62
CA MET A 126 4.06 -7.50 7.99
C MET A 126 4.80 -8.38 9.00
N ASN A 127 5.19 -9.59 8.58
CA ASN A 127 5.79 -10.63 9.45
C ASN A 127 7.28 -10.65 9.25
N HIS A 128 7.78 -9.66 8.53
CA HIS A 128 9.17 -9.54 8.15
C HIS A 128 9.91 -8.70 9.21
N PRO A 129 10.91 -9.29 9.91
CA PRO A 129 11.62 -8.47 10.93
C PRO A 129 12.10 -7.16 10.33
N GLY A 130 12.06 -6.08 11.10
CA GLY A 130 12.50 -4.76 10.64
C GLY A 130 11.58 -3.59 10.99
N HIS A 131 12.00 -2.40 10.59
CA HIS A 131 11.27 -1.16 10.84
C HIS A 131 10.17 -1.06 9.77
N LEU A 132 8.88 -1.04 10.18
CA LEU A 132 7.73 -0.99 9.23
C LEU A 132 6.51 -0.21 9.81
N LYS A 133 5.87 0.56 8.93
CA LYS A 133 4.64 1.29 9.28
C LYS A 133 3.46 0.84 8.45
N LEU A 134 2.29 0.81 9.08
CA LEU A 134 1.06 0.47 8.37
C LEU A 134 0.13 1.68 8.38
N PHE A 135 -0.23 2.15 7.18
CA PHE A 135 -1.19 3.23 7.03
C PHE A 135 -2.50 2.57 6.70
N VAL A 136 -3.37 2.58 7.71
CA VAL A 136 -4.65 1.80 7.69
C VAL A 136 -5.86 2.73 7.78
N THR A 137 -6.70 2.72 6.74
CA THR A 137 -7.96 3.46 6.79
C THR A 137 -9.02 2.48 7.23
N ARG A 138 -9.67 2.81 8.35
CA ARG A 138 -10.69 1.96 8.95
C ARG A 138 -12.03 2.37 8.36
N ILE A 139 -12.56 1.55 7.46
CA ILE A 139 -13.89 1.75 6.91
C ILE A 139 -14.83 1.15 7.95
N MET A 140 -15.60 2.00 8.62
CA MET A 140 -16.33 1.58 9.82
C MET A 140 -17.73 0.97 9.55
N GLN A 141 -17.80 0.06 8.58
CA GLN A 141 -19.01 -0.75 8.29
C GLN A 141 -18.49 -2.12 7.82
N ASP A 142 -19.34 -3.13 7.86
CA ASP A 142 -19.05 -4.43 7.27
C ASP A 142 -19.38 -4.35 5.79
N PHE A 143 -18.49 -4.88 4.95
CA PHE A 143 -18.77 -5.01 3.53
C PHE A 143 -18.50 -6.43 3.07
N GLU A 144 -19.39 -7.00 2.25
CA GLU A 144 -19.15 -8.31 1.66
C GLU A 144 -17.85 -8.27 0.85
N SER A 145 -16.98 -9.24 1.13
CA SER A 145 -15.62 -9.23 0.59
C SER A 145 -15.18 -10.63 0.23
N ASP A 146 -14.24 -10.74 -0.70
CA ASP A 146 -13.63 -12.02 -0.99
C ASP A 146 -12.09 -12.04 -0.77
N THR A 147 -11.51 -10.93 -0.36
CA THR A 147 -10.10 -10.85 0.02
C THR A 147 -9.91 -9.90 1.22
N PHE A 148 -8.99 -10.29 2.10
CA PHE A 148 -8.97 -9.76 3.46
C PHE A 148 -7.56 -9.32 3.84
N PHE A 149 -7.48 -8.30 4.70
CA PHE A 149 -6.22 -7.87 5.25
C PHE A 149 -5.74 -8.86 6.30
N PRO A 150 -4.43 -9.13 6.34
CA PRO A 150 -3.95 -10.01 7.41
C PRO A 150 -4.13 -9.38 8.79
N GLU A 151 -4.15 -10.24 9.80
CA GLU A 151 -4.26 -9.83 11.18
C GLU A 151 -3.11 -8.89 11.56
N ILE A 152 -3.47 -7.78 12.20
CA ILE A 152 -2.45 -6.90 12.76
C ILE A 152 -2.14 -7.35 14.18
N ASP A 153 -0.90 -7.74 14.43
CA ASP A 153 -0.49 -8.13 15.75
C ASP A 153 -0.17 -6.89 16.58
N LEU A 154 -1.05 -6.54 17.50
CA LEU A 154 -0.86 -5.31 18.28
C LEU A 154 0.21 -5.40 19.34
N GLU A 155 0.69 -6.59 19.65
CA GLU A 155 1.86 -6.72 20.54
C GLU A 155 3.07 -6.05 19.85
N LYS A 156 3.15 -6.14 18.51
CA LYS A 156 4.27 -5.55 17.83
C LYS A 156 3.93 -4.22 17.11
N TYR A 157 2.73 -4.09 16.55
CA TYR A 157 2.34 -2.87 15.82
C TYR A 157 1.70 -1.87 16.75
N LYS A 158 2.42 -0.78 17.03
CA LYS A 158 1.91 0.21 17.92
C LYS A 158 1.07 1.22 17.15
N LEU A 159 -0.15 1.49 17.61
CA LEU A 159 -0.96 2.54 16.99
C LEU A 159 -0.43 3.91 17.46
N LEU A 160 -0.01 4.74 16.52
CA LEU A 160 0.55 6.05 16.86
C LEU A 160 -0.56 7.04 17.27
N PRO A 161 -0.34 7.82 18.36
CA PRO A 161 -1.35 8.79 18.87
C PRO A 161 -1.59 10.04 17.97
N GLU A 162 -0.71 10.24 16.98
CA GLU A 162 -0.78 11.37 16.04
C GLU A 162 0.24 11.08 14.93
N TYR A 163 0.03 11.66 13.75
CA TYR A 163 1.02 11.58 12.67
C TYR A 163 0.89 12.78 11.73
N PRO A 164 2.01 13.50 11.44
CA PRO A 164 1.93 14.69 10.58
C PRO A 164 1.24 14.40 9.27
N GLY A 165 0.23 15.19 8.92
CA GLY A 165 -0.44 15.03 7.63
C GLY A 165 -1.54 13.98 7.61
N VAL A 166 -1.84 13.42 8.77
CA VAL A 166 -2.95 12.49 8.89
C VAL A 166 -4.02 13.08 9.81
N LEU A 167 -5.20 13.34 9.24
CA LEU A 167 -6.36 13.75 10.03
C LEU A 167 -6.83 12.69 11.04
N SER A 168 -7.15 13.13 12.26
CA SER A 168 -7.45 12.26 13.42
C SER A 168 -8.95 12.05 13.64
N ASP A 169 -9.77 12.94 13.07
CA ASP A 169 -11.22 12.82 13.26
C ASP A 169 -11.90 11.87 12.21
N VAL A 170 -13.16 11.55 12.45
CA VAL A 170 -13.97 10.65 11.56
C VAL A 170 -14.29 11.38 10.28
N GLN A 171 -14.06 10.70 9.16
CA GLN A 171 -14.37 11.21 7.82
C GLN A 171 -15.65 10.53 7.39
N GLU A 172 -16.35 11.14 6.45
CA GLU A 172 -17.52 10.51 5.86
C GLU A 172 -17.68 10.92 4.41
N GLU A 173 -17.82 9.93 3.54
CA GLU A 173 -18.14 10.14 2.13
C GLU A 173 -19.14 9.07 1.76
N LYS A 174 -20.17 9.49 1.02
CA LYS A 174 -21.21 8.61 0.49
C LYS A 174 -21.89 7.87 1.60
N GLY A 175 -22.06 8.53 2.74
CA GLY A 175 -22.72 7.90 3.88
C GLY A 175 -21.89 6.87 4.65
N ILE A 176 -20.62 6.72 4.27
CA ILE A 176 -19.72 5.73 4.88
C ILE A 176 -18.67 6.48 5.73
N LYS A 177 -18.69 6.23 7.04
CA LYS A 177 -17.70 6.75 7.99
C LYS A 177 -16.42 5.93 7.95
N TYR A 178 -15.31 6.65 8.01
CA TYR A 178 -14.01 6.06 8.06
C TYR A 178 -13.01 6.93 8.84
N LYS A 179 -11.90 6.33 9.28
CA LYS A 179 -10.89 7.08 10.03
C LYS A 179 -9.50 6.57 9.65
N PHE A 180 -8.50 7.45 9.71
CA PHE A 180 -7.14 7.09 9.32
C PHE A 180 -6.34 6.68 10.56
N GLU A 181 -5.45 5.71 10.39
CA GLU A 181 -4.60 5.22 11.48
C GLU A 181 -3.21 4.97 10.95
N VAL A 182 -2.22 5.11 11.84
CA VAL A 182 -0.81 4.76 11.52
C VAL A 182 -0.24 3.84 12.59
N TYR A 183 0.25 2.69 12.18
CA TYR A 183 0.84 1.73 13.11
C TYR A 183 2.31 1.67 12.78
N GLU A 184 3.12 1.35 13.79
CA GLU A 184 4.57 1.20 13.59
C GLU A 184 5.11 0.01 14.38
N LYS A 185 5.93 -0.80 13.72
CA LYS A 185 6.72 -1.81 14.43
C LYS A 185 8.22 -1.64 14.19
N ASN A 186 9.02 -2.27 15.03
CA ASN A 186 10.47 -2.27 14.81
C ASN A 186 11.10 -3.43 15.54
N ASP A 187 11.36 -4.50 14.82
CA ASP A 187 11.74 -5.77 15.45
C ASP A 187 12.74 -6.54 14.59
C16 DH1 B . -3.40 -0.62 -4.89
O1 DH1 B . -4.39 0.01 -4.11
C2' DH1 B . -4.94 1.13 -4.71
C3' DH1 B . -4.42 1.65 -5.91
C4' DH1 B . -5.00 2.78 -6.49
C5' DH1 B . -6.09 3.40 -5.89
O5' DH1 B . -6.66 4.54 -6.49
C52 DH1 B . -6.20 5.78 -5.97
C1 DH1 B . -6.40 6.93 -6.95
C3 DH1 B . -5.92 6.59 -8.38
C7 DH1 B . -4.39 6.26 -8.52
C8 DH1 B . -3.41 7.41 -8.20
O9 DH1 B . -3.26 8.30 -9.10
O10 DH1 B . -2.82 7.34 -7.06
C6' DH1 B . -6.61 2.85 -4.70
C1' DH1 B . -6.03 1.75 -4.09
C51 DH1 B . -6.65 1.17 -2.81
C5 DH1 B . -6.31 1.88 -1.49
C6 DH1 B . -7.21 2.85 -1.08
N1 DH1 B . -6.99 3.49 0.04
C2 DH1 B . -5.94 3.23 0.84
N2 DH1 B . -5.84 3.93 1.94
N3 DH1 B . -5.03 2.30 0.50
C4 DH1 B . -5.20 1.61 -0.66
N4 DH1 B . -4.32 0.71 -1.05
PA NDP C . -2.37 -9.77 -5.26
O1A NDP C . -2.37 -8.38 -5.76
O2A NDP C . -1.47 -10.13 -4.14
O5B NDP C . -2.00 -10.58 -6.48
C5B NDP C . -1.85 -11.98 -6.31
C4B NDP C . -0.99 -12.40 -7.46
O4B NDP C . 0.21 -11.48 -7.44
C3B NDP C . -0.39 -13.81 -7.40
O3B NDP C . -1.29 -14.82 -7.88
C2B NDP C . 0.58 -13.37 -8.47
O2B NDP C . 1.44 -14.32 -8.81
C1B NDP C . 1.34 -12.30 -7.69
N9A NDP C . 2.07 -12.33 -6.32
C8A NDP C . 1.56 -12.03 -5.11
N7A NDP C . 2.51 -12.11 -4.19
C5A NDP C . 3.66 -12.42 -4.79
C6A NDP C . 5.00 -12.65 -4.38
N6A NDP C . 5.39 -12.54 -3.10
N1A NDP C . 5.92 -12.94 -5.30
C2A NDP C . 5.61 -13.05 -6.59
N3A NDP C . 4.37 -12.87 -7.00
C4A NDP C . 3.38 -12.55 -6.15
O3 NDP C . -3.89 -10.37 -5.11
PN NDP C . -5.16 -10.18 -4.06
O1N NDP C . -4.64 -10.24 -2.64
O2N NDP C . -6.24 -11.09 -4.47
O5D NDP C . -5.72 -8.80 -4.56
C5D NDP C . -6.24 -7.94 -3.68
C4D NDP C . -7.57 -7.50 -4.18
O4D NDP C . -7.71 -6.60 -3.09
C3D NDP C . -7.37 -6.69 -5.47
O3D NDP C . -8.18 -7.29 -6.51
C2D NDP C . -7.75 -5.21 -5.13
O2D NDP C . -9.01 -4.72 -5.64
C1D NDP C . -7.92 -5.24 -3.61
N1N NDP C . -6.99 -4.35 -2.91
C2N NDP C . -7.58 -3.48 -1.99
C3N NDP C . -6.80 -2.62 -1.26
C7N NDP C . -7.49 -1.70 -0.27
O7N NDP C . -6.83 -0.85 0.28
N7N NDP C . -8.82 -1.90 -0.08
C4N NDP C . -5.40 -2.61 -1.45
C5N NDP C . -4.80 -3.49 -2.38
C6N NDP C . -5.57 -4.37 -3.13
P2B NDP C . 1.68 -15.07 -10.13
O1X NDP C . 1.61 -14.26 -11.47
O2X NDP C . 0.59 -16.24 -10.10
O3X NDP C . 3.02 -15.57 -9.74
S SO4 D . -2.71 8.23 13.65
O1 SO4 D . -1.55 8.43 12.78
O2 SO4 D . -2.48 9.09 14.81
O3 SO4 D . -3.90 8.73 12.91
O4 SO4 D . -2.80 6.82 14.06
S SO4 E . -3.08 -13.81 9.04
O1 SO4 E . -1.81 -13.13 9.27
O2 SO4 E . -4.21 -12.87 9.00
O3 SO4 E . -3.03 -14.53 7.76
O4 SO4 E . -3.30 -14.76 10.13
S SO4 F . -20.58 12.87 -0.08
O1 SO4 F . -20.07 13.98 -0.87
O2 SO4 F . -20.41 13.16 1.34
O3 SO4 F . -22.00 12.64 -0.39
O4 SO4 F . -19.81 11.67 -0.45
S SO4 G . -16.50 -11.69 6.57
O1 SO4 G . -15.55 -10.63 6.84
O2 SO4 G . -17.51 -11.74 7.64
O3 SO4 G . -17.18 -11.38 5.32
O4 SO4 G . -15.76 -12.96 6.49
S SO4 H . -21.63 3.85 -6.44
O1 SO4 H . -21.95 4.61 -5.23
O2 SO4 H . -21.12 2.53 -6.07
O3 SO4 H . -22.82 3.67 -7.25
O4 SO4 H . -20.61 4.56 -7.21
#